data_4YH8
#
_entry.id   4YH8
#
_cell.length_a   91.616
_cell.length_b   112.704
_cell.length_c   57.198
_cell.angle_alpha   90.00
_cell.angle_beta   90.00
_cell.angle_gamma   90.00
#
_symmetry.space_group_name_H-M   'C 2 2 21'
#
loop_
_entity.id
_entity.type
_entity.pdbx_description
1 polymer 'Splicing factor U2AF 23 kDa subunit'
2 polymer 'Splicing factor U2AF 59 kDa subunit'
3 non-polymer 'ZINC ION'
4 water water
#
loop_
_entity_poly.entity_id
_entity_poly.type
_entity_poly.pdbx_seq_one_letter_code
_entity_poly.pdbx_strand_id
1 'polypeptide(L)'
;MASHLASIYGTEQDKVNCSFYYKIGACRHGERCSRKHVKPNFSQTILCPNMYKNPIHEPNGKKFTQRELAEQFDAFYEDM
FCEFSKYGEVEQLVVCDNVGDHLVGNVYVRFKYEESAQNAIDDLNSRWYSQRPVYAELSPVTDFREACCRQHETSECQRG
GLCNFMHAKKPSPQLLRDLVLAQRKYLALNAAEEMKKEPNSDSTNRWVSVTAERKN
;
A
2 'polypeptide(L)' GGSSVGRSRSPPPSRERSVRSIEQELEQLRDVTPINQWKRKRSLWDIKPPGYELVTADQAKMSGVFPLPGA B
#
loop_
_chem_comp.id
_chem_comp.type
_chem_comp.name
_chem_comp.formula
ZN non-polymer 'ZINC ION' 'Zn 2'
#
# COMPACT_ATOMS: atom_id res chain seq x y z
N LYS A 15 -12.59 24.61 12.38
CA LYS A 15 -11.51 25.53 12.02
C LYS A 15 -10.15 25.08 12.55
N VAL A 16 -10.16 24.11 13.48
CA VAL A 16 -8.93 23.47 13.91
C VAL A 16 -8.69 22.28 12.98
N ASN A 17 -7.46 22.12 12.49
CA ASN A 17 -7.14 20.99 11.62
C ASN A 17 -7.42 19.65 12.28
N CYS A 18 -8.00 18.70 11.55
CA CYS A 18 -8.19 17.37 12.12
C CYS A 18 -6.86 16.66 12.17
N SER A 19 -6.32 16.56 13.37
CA SER A 19 -5.01 16.00 13.60
C SER A 19 -4.94 14.56 13.11
N PHE A 20 -6.02 13.82 13.29
CA PHE A 20 -6.01 12.41 12.90
C PHE A 20 -6.02 12.27 11.37
N TYR A 21 -6.81 13.09 10.67
CA TYR A 21 -6.81 12.97 9.22
C TYR A 21 -5.44 13.34 8.68
N TYR A 22 -4.83 14.41 9.18
CA TYR A 22 -3.58 14.86 8.58
C TYR A 22 -2.36 14.01 8.98
N LYS A 23 -2.41 13.41 10.16
CA LYS A 23 -1.30 12.62 10.66
C LYS A 23 -1.41 11.16 10.19
N ILE A 24 -2.63 10.63 10.20
CA ILE A 24 -2.88 9.20 9.97
C ILE A 24 -3.53 8.94 8.63
N GLY A 25 -4.11 9.98 8.04
CA GLY A 25 -4.72 9.83 6.73
C GLY A 25 -6.11 9.23 6.81
N ALA A 26 -6.64 9.13 8.01
CA ALA A 26 -7.92 8.51 8.25
C ALA A 26 -8.46 9.02 9.57
N CYS A 27 -9.77 9.24 9.61
CA CYS A 27 -10.42 9.77 10.80
C CYS A 27 -11.68 8.98 11.11
N ARG A 28 -11.84 8.58 12.37
CA ARG A 28 -12.95 7.72 12.76
C ARG A 28 -14.33 8.35 12.51
N HIS A 29 -14.37 9.66 12.32
CA HIS A 29 -15.64 10.35 12.13
C HIS A 29 -16.04 10.54 10.68
N GLY A 30 -15.12 10.29 9.76
CA GLY A 30 -15.38 10.50 8.34
C GLY A 30 -15.75 11.95 8.04
N GLU A 31 -16.73 12.13 7.16
CA GLU A 31 -17.21 13.47 6.81
C GLU A 31 -18.03 14.11 7.93
N ARG A 32 -18.40 13.32 8.93
CA ARG A 32 -19.13 13.84 10.09
C ARG A 32 -18.21 14.54 11.08
N CYS A 33 -16.91 14.53 10.81
CA CYS A 33 -15.95 15.16 11.71
C CYS A 33 -16.23 16.66 11.78
N SER A 34 -16.09 17.22 12.97
CA SER A 34 -16.30 18.65 13.18
C SER A 34 -15.10 19.44 12.69
N ARG A 35 -13.99 18.74 12.44
CA ARG A 35 -12.74 19.40 12.08
C ARG A 35 -12.39 19.23 10.60
N LYS A 36 -11.38 19.99 10.18
CA LYS A 36 -11.02 20.11 8.77
C LYS A 36 -10.29 18.89 8.20
N HIS A 37 -10.88 18.28 7.17
CA HIS A 37 -10.23 17.30 6.27
C HIS A 37 -10.13 17.88 4.85
N VAL A 38 -8.95 18.31 4.43
CA VAL A 38 -8.80 18.68 3.03
C VAL A 38 -7.82 17.73 2.35
N LYS A 39 -8.28 17.04 1.30
CA LYS A 39 -7.41 16.18 0.51
C LYS A 39 -6.39 17.04 -0.23
N PRO A 40 -5.12 16.61 -0.24
CA PRO A 40 -4.11 17.36 -1.00
C PRO A 40 -4.32 17.18 -2.50
N ASN A 41 -3.92 18.14 -3.34
CA ASN A 41 -3.97 17.88 -4.78
C ASN A 41 -2.66 17.34 -5.25
N PHE A 42 -1.66 17.37 -4.40
CA PHE A 42 -0.40 16.72 -4.70
C PHE A 42 0.11 16.11 -3.40
N SER A 43 0.80 14.99 -3.54
CA SER A 43 1.34 14.31 -2.36
C SER A 43 2.32 13.28 -2.84
N GLN A 44 3.27 12.91 -1.98
CA GLN A 44 4.10 11.76 -2.28
C GLN A 44 3.40 10.47 -1.88
N THR A 45 2.36 10.59 -1.07
CA THR A 45 1.75 9.41 -0.45
C THR A 45 0.34 9.16 -0.95
N ILE A 46 0.03 7.89 -1.21
CA ILE A 46 -1.32 7.50 -1.51
C ILE A 46 -1.89 6.58 -0.46
N LEU A 47 -3.21 6.51 -0.43
CA LEU A 47 -3.95 5.56 0.38
C LEU A 47 -4.91 4.75 -0.49
N CYS A 48 -4.85 3.42 -0.36
CA CYS A 48 -5.87 2.55 -0.90
C CYS A 48 -6.66 2.00 0.27
N PRO A 49 -7.83 2.61 0.55
CA PRO A 49 -8.53 2.22 1.78
C PRO A 49 -9.07 0.80 1.72
N ASN A 50 -8.92 0.06 2.82
CA ASN A 50 -9.49 -1.29 2.98
C ASN A 50 -9.08 -2.25 1.88
N MET A 51 -7.89 -2.05 1.33
CA MET A 51 -7.41 -2.95 0.30
C MET A 51 -7.04 -4.34 0.82
N TYR A 52 -6.46 -4.37 2.02
CA TYR A 52 -6.02 -5.62 2.63
C TYR A 52 -7.13 -6.30 3.41
N LYS A 53 -7.54 -7.48 2.95
CA LYS A 53 -8.50 -8.30 3.67
C LYS A 53 -7.80 -9.44 4.40
N ASN A 54 -7.57 -9.25 5.69
CA ASN A 54 -6.94 -10.27 6.52
C ASN A 54 -7.77 -11.56 6.52
N PRO A 55 -7.17 -12.70 6.10
CA PRO A 55 -7.88 -13.99 6.05
C PRO A 55 -8.63 -14.35 7.34
N ILE A 56 -8.06 -13.96 8.50
CA ILE A 56 -8.66 -14.27 9.80
C ILE A 56 -10.13 -13.89 9.89
N HIS A 57 -10.51 -12.79 9.25
CA HIS A 57 -11.87 -12.27 9.34
C HIS A 57 -12.76 -12.74 8.19
N GLU A 58 -12.34 -13.78 7.48
CA GLU A 58 -13.09 -14.31 6.34
C GLU A 58 -13.60 -15.73 6.67
N PRO A 59 -14.67 -16.19 5.98
CA PRO A 59 -15.29 -17.50 6.23
C PRO A 59 -14.30 -18.66 6.36
N ASN A 60 -13.23 -18.63 5.57
CA ASN A 60 -12.22 -19.68 5.60
C ASN A 60 -11.22 -19.52 6.75
N GLY A 61 -11.00 -18.27 7.13
CA GLY A 61 -9.84 -17.85 7.91
C GLY A 61 -9.30 -18.60 9.10
N LYS A 62 -10.14 -19.36 9.78
CA LYS A 62 -9.70 -20.05 10.99
C LYS A 62 -9.18 -21.46 10.71
N LYS A 63 -9.19 -21.85 9.43
CA LYS A 63 -8.63 -23.14 9.06
C LYS A 63 -7.12 -23.02 8.83
N PHE A 64 -6.61 -21.79 8.85
CA PHE A 64 -5.20 -21.56 8.52
C PHE A 64 -4.29 -21.57 9.74
N THR A 65 -3.18 -22.29 9.62
CA THR A 65 -2.13 -22.26 10.62
C THR A 65 -1.40 -20.93 10.63
N GLN A 66 -0.65 -20.66 11.69
CA GLN A 66 0.10 -19.40 11.77
C GLN A 66 1.12 -19.28 10.63
N ARG A 67 1.75 -20.40 10.27
CA ARG A 67 2.70 -20.38 9.18
C ARG A 67 2.02 -20.08 7.84
N GLU A 68 0.85 -20.67 7.62
CA GLU A 68 0.10 -20.38 6.40
C GLU A 68 -0.27 -18.90 6.33
N LEU A 69 -0.71 -18.36 7.46
CA LEU A 69 -1.08 -16.94 7.53
C LEU A 69 0.12 -16.04 7.26
N ALA A 70 1.29 -16.41 7.80
CA ALA A 70 2.48 -15.60 7.54
C ALA A 70 2.89 -15.66 6.07
N GLU A 71 2.81 -16.83 5.45
CA GLU A 71 3.10 -16.92 4.03
C GLU A 71 2.09 -16.12 3.20
N GLN A 72 0.83 -16.15 3.60
CA GLN A 72 -0.19 -15.41 2.86
C GLN A 72 0.07 -13.90 2.95
N PHE A 73 0.51 -13.45 4.11
CA PHE A 73 0.75 -12.01 4.21
C PHE A 73 1.98 -11.58 3.43
N ASP A 74 3.05 -12.37 3.49
CA ASP A 74 4.22 -12.06 2.66
C ASP A 74 3.84 -11.98 1.19
N ALA A 75 2.99 -12.90 0.72
CA ALA A 75 2.52 -12.86 -0.66
C ALA A 75 1.76 -11.57 -0.97
N PHE A 76 0.89 -11.16 -0.04
CA PHE A 76 0.17 -9.90 -0.22
C PHE A 76 1.12 -8.71 -0.25
N TYR A 77 2.03 -8.65 0.70
CA TYR A 77 2.94 -7.51 0.78
C TYR A 77 3.83 -7.39 -0.46
N GLU A 78 4.33 -8.54 -0.91
CA GLU A 78 5.08 -8.62 -2.14
C GLU A 78 4.26 -8.14 -3.37
N ASP A 79 3.01 -8.60 -3.44
CA ASP A 79 2.14 -8.25 -4.59
C ASP A 79 1.91 -6.74 -4.63
N MET A 80 1.79 -6.15 -3.45
CA MET A 80 1.63 -4.70 -3.33
C MET A 80 2.90 -3.97 -3.75
N PHE A 81 4.00 -4.27 -3.06
CA PHE A 81 5.26 -3.56 -3.33
C PHE A 81 5.69 -3.67 -4.79
N CYS A 82 5.65 -4.88 -5.35
CA CYS A 82 6.04 -5.05 -6.75
C CYS A 82 5.15 -4.22 -7.67
N GLU A 83 3.86 -4.20 -7.40
CA GLU A 83 2.97 -3.44 -8.30
C GLU A 83 3.19 -1.93 -8.16
N PHE A 84 3.24 -1.43 -6.92
CA PHE A 84 3.38 0.02 -6.76
C PHE A 84 4.71 0.51 -7.35
N SER A 85 5.72 -0.36 -7.41
CA SER A 85 7.02 0.00 -7.96
C SER A 85 6.93 0.42 -9.42
N LYS A 86 5.90 -0.03 -10.11
CA LYS A 86 5.84 0.29 -11.52
C LYS A 86 5.46 1.75 -11.74
N TYR A 87 4.91 2.40 -10.73
CA TYR A 87 4.55 3.82 -10.86
C TYR A 87 5.69 4.77 -10.52
N GLY A 88 6.74 4.26 -9.87
CA GLY A 88 7.87 5.07 -9.46
C GLY A 88 8.50 4.50 -8.21
N GLU A 89 9.64 5.04 -7.82
CA GLU A 89 10.34 4.55 -6.63
C GLU A 89 9.47 4.64 -5.37
N VAL A 90 9.31 3.47 -4.74
CA VAL A 90 8.54 3.35 -3.49
C VAL A 90 9.50 3.50 -2.32
N GLU A 91 9.23 4.46 -1.45
CA GLU A 91 10.09 4.65 -0.27
C GLU A 91 9.60 3.80 0.89
N GLN A 92 8.29 3.74 1.07
CA GLN A 92 7.76 2.93 2.16
C GLN A 92 6.35 2.45 1.85
N LEU A 93 6.04 1.24 2.29
CA LEU A 93 4.72 0.65 2.12
C LEU A 93 4.20 0.22 3.49
N VAL A 94 3.01 0.66 3.87
CA VAL A 94 2.44 0.26 5.17
C VAL A 94 1.08 -0.38 4.99
N VAL A 95 0.89 -1.55 5.60
CA VAL A 95 -0.39 -2.24 5.55
C VAL A 95 -1.02 -2.26 6.93
N CYS A 96 -2.21 -1.65 7.07
CA CYS A 96 -2.87 -1.58 8.38
C CYS A 96 -3.72 -2.79 8.70
N ASP A 97 -3.49 -3.34 9.88
CA ASP A 97 -4.26 -4.49 10.35
C ASP A 97 -5.17 -4.12 11.51
N ASN A 98 -5.56 -2.84 11.57
CA ASN A 98 -6.53 -2.36 12.55
C ASN A 98 -7.88 -3.05 12.46
N VAL A 99 -8.59 -3.03 13.59
CA VAL A 99 -9.97 -3.50 13.69
C VAL A 99 -11.00 -2.42 13.30
N GLY A 100 -10.69 -1.16 13.58
CA GLY A 100 -11.60 -0.05 13.35
C GLY A 100 -11.87 0.26 11.88
N ASP A 101 -13.11 0.63 11.57
CA ASP A 101 -13.57 0.83 10.19
C ASP A 101 -12.74 1.85 9.40
N HIS A 102 -12.24 2.88 10.09
CA HIS A 102 -11.51 3.95 9.43
C HIS A 102 -10.12 3.51 8.95
N LEU A 103 -9.60 2.42 9.51
CA LEU A 103 -8.23 2.02 9.22
C LEU A 103 -8.10 0.58 8.71
N VAL A 104 -9.12 -0.24 8.91
CA VAL A 104 -8.95 -1.68 8.67
C VAL A 104 -8.53 -1.96 7.21
N GLY A 105 -7.36 -2.60 7.06
CA GLY A 105 -6.90 -2.98 5.73
C GLY A 105 -6.35 -1.83 4.89
N ASN A 106 -6.21 -0.63 5.47
CA ASN A 106 -5.67 0.48 4.67
C ASN A 106 -4.27 0.21 4.19
N VAL A 107 -4.01 0.49 2.91
CA VAL A 107 -2.67 0.33 2.39
C VAL A 107 -2.14 1.70 2.01
N TYR A 108 -1.05 2.13 2.65
CA TYR A 108 -0.42 3.43 2.33
C TYR A 108 0.90 3.23 1.62
N VAL A 109 1.16 4.04 0.59
CA VAL A 109 2.42 3.96 -0.12
C VAL A 109 3.02 5.34 -0.22
N ARG A 110 4.26 5.50 0.24
CA ARG A 110 4.96 6.76 -0.01
C ARG A 110 5.95 6.58 -1.15
N PHE A 111 5.75 7.37 -2.21
CA PHE A 111 6.67 7.44 -3.35
C PHE A 111 7.70 8.53 -3.17
N LYS A 112 8.81 8.40 -3.90
CA LYS A 112 9.82 9.45 -3.89
C LYS A 112 9.30 10.75 -4.52
N TYR A 113 8.50 10.62 -5.58
CA TYR A 113 8.02 11.78 -6.33
C TYR A 113 6.51 11.90 -6.33
N GLU A 114 6.01 13.14 -6.23
CA GLU A 114 4.58 13.39 -6.27
C GLU A 114 3.94 12.91 -7.57
N GLU A 115 4.67 13.00 -8.67
CA GLU A 115 4.14 12.57 -9.95
C GLU A 115 3.81 11.08 -9.99
N SER A 116 4.62 10.30 -9.27
CA SER A 116 4.37 8.86 -9.15
C SER A 116 3.03 8.60 -8.48
N ALA A 117 2.77 9.31 -7.38
CA ALA A 117 1.52 9.15 -6.63
C ALA A 117 0.31 9.49 -7.50
N GLN A 118 0.40 10.55 -8.28
CA GLN A 118 -0.72 10.89 -9.14
C GLN A 118 -0.94 9.84 -10.22
N ASN A 119 0.14 9.42 -10.87
CA ASN A 119 0.04 8.36 -11.88
C ASN A 119 -0.53 7.08 -11.29
N ALA A 120 -0.15 6.79 -10.04
CA ALA A 120 -0.65 5.60 -9.39
C ALA A 120 -2.16 5.65 -9.14
N ILE A 121 -2.68 6.72 -8.53
CA ILE A 121 -4.09 6.67 -8.20
C ILE A 121 -4.94 6.67 -9.48
N ASP A 122 -4.48 7.37 -10.52
CA ASP A 122 -5.24 7.42 -11.78
C ASP A 122 -5.33 6.02 -12.39
N ASP A 123 -4.23 5.28 -12.39
CA ASP A 123 -4.28 3.92 -12.91
C ASP A 123 -5.05 2.99 -11.97
N LEU A 124 -4.77 3.08 -10.67
CA LEU A 124 -5.35 2.13 -9.72
C LEU A 124 -6.88 2.25 -9.65
N ASN A 125 -7.40 3.46 -9.81
CA ASN A 125 -8.84 3.65 -9.69
C ASN A 125 -9.65 3.00 -10.81
N SER A 126 -8.97 2.57 -11.85
CA SER A 126 -9.61 1.84 -12.95
C SER A 126 -9.39 0.34 -12.86
N ARG A 127 -8.75 -0.12 -11.78
CA ARG A 127 -8.41 -1.54 -11.68
C ARG A 127 -9.13 -2.28 -10.57
N TRP A 128 -8.99 -3.60 -10.60
CA TRP A 128 -9.56 -4.51 -9.63
C TRP A 128 -8.43 -5.20 -8.85
N TYR A 129 -8.72 -5.61 -7.62
CA TYR A 129 -7.81 -6.46 -6.85
C TYR A 129 -8.62 -7.54 -6.15
N SER A 130 -8.27 -8.80 -6.43
CA SER A 130 -8.92 -9.95 -5.81
C SER A 130 -10.44 -9.81 -5.80
N GLN A 131 -10.97 -9.45 -6.96
CA GLN A 131 -12.41 -9.43 -7.28
C GLN A 131 -13.17 -8.28 -6.63
N ARG A 132 -12.43 -7.24 -6.21
CA ARG A 132 -13.03 -5.99 -5.74
C ARG A 132 -12.40 -4.79 -6.46
N PRO A 133 -13.20 -3.77 -6.77
CA PRO A 133 -12.63 -2.61 -7.45
C PRO A 133 -11.73 -1.82 -6.50
N VAL A 134 -10.64 -1.26 -7.02
CA VAL A 134 -9.67 -0.58 -6.17
C VAL A 134 -10.04 0.88 -5.96
N TYR A 135 -10.05 1.31 -4.70
CA TYR A 135 -10.15 2.73 -4.37
C TYR A 135 -8.75 3.27 -4.04
N ALA A 136 -8.39 4.41 -4.61
CA ALA A 136 -7.11 5.03 -4.32
C ALA A 136 -7.26 6.54 -4.24
N GLU A 137 -6.54 7.16 -3.31
CA GLU A 137 -6.54 8.62 -3.21
C GLU A 137 -5.19 9.13 -2.74
N LEU A 138 -4.91 10.40 -3.02
CA LEU A 138 -3.75 11.04 -2.42
C LEU A 138 -3.98 11.16 -0.92
N SER A 139 -2.90 11.03 -0.17
CA SER A 139 -2.96 11.06 1.29
C SER A 139 -2.09 12.15 1.88
N PRO A 140 -2.57 12.80 2.95
CA PRO A 140 -1.77 13.84 3.62
C PRO A 140 -0.64 13.28 4.49
N VAL A 141 -0.61 11.98 4.74
CA VAL A 141 0.41 11.41 5.64
C VAL A 141 1.83 11.71 5.15
N THR A 142 2.66 12.21 6.06
CA THR A 142 4.04 12.56 5.70
C THR A 142 5.07 11.76 6.49
N ASP A 143 4.65 11.20 7.62
CA ASP A 143 5.61 10.52 8.50
C ASP A 143 4.98 9.28 9.11
N PHE A 144 5.32 8.12 8.58
CA PHE A 144 4.73 6.89 9.08
C PHE A 144 5.14 6.62 10.53
N ARG A 145 6.27 7.16 10.97
CA ARG A 145 6.69 6.98 12.37
C ARG A 145 5.67 7.60 13.34
N GLU A 146 5.25 8.82 13.04
CA GLU A 146 4.19 9.48 13.82
C GLU A 146 2.87 8.72 13.72
N ALA A 147 2.61 8.15 12.55
CA ALA A 147 1.29 7.62 12.25
C ALA A 147 1.05 6.23 12.85
N CYS A 148 2.12 5.50 13.12
CA CYS A 148 1.96 4.11 13.55
C CYS A 148 1.81 4.01 15.05
N CYS A 149 0.98 3.07 15.47
CA CYS A 149 0.67 2.85 16.89
C CYS A 149 1.89 2.29 17.62
N ARG A 150 2.43 3.04 18.57
CA ARG A 150 3.66 2.62 19.22
C ARG A 150 3.44 1.41 20.14
N GLN A 151 2.23 1.24 20.71
CA GLN A 151 1.90 -0.02 21.42
C GLN A 151 2.01 -1.21 20.49
N HIS A 152 1.26 -1.17 19.38
CA HIS A 152 1.20 -2.29 18.46
C HIS A 152 2.60 -2.71 18.02
N GLU A 153 3.50 -1.75 17.98
CA GLU A 153 4.88 -2.05 17.75
C GLU A 153 5.49 -2.72 18.98
N THR A 154 5.80 -1.91 20.00
CA THR A 154 6.53 -2.36 21.19
C THR A 154 5.83 -3.54 21.89
N SER A 155 4.59 -3.35 22.35
CA SER A 155 3.83 -4.46 22.93
C SER A 155 2.65 -4.82 22.04
N GLU A 156 1.52 -5.13 22.66
CA GLU A 156 0.26 -5.18 21.94
C GLU A 156 -0.58 -3.98 22.28
N CYS A 157 -1.25 -3.47 21.26
CA CYS A 157 -2.26 -2.48 21.48
C CYS A 157 -3.53 -3.23 21.83
N GLN A 158 -4.18 -2.83 22.91
CA GLN A 158 -5.40 -3.48 23.33
C GLN A 158 -6.59 -2.53 23.24
N ARG A 159 -6.56 -1.60 22.28
CA ARG A 159 -7.64 -0.64 22.16
C ARG A 159 -8.62 -1.05 21.08
N GLY A 160 -8.17 -1.93 20.18
CA GLY A 160 -9.05 -2.44 19.15
C GLY A 160 -9.47 -1.33 18.21
N GLY A 161 -10.77 -1.20 17.97
CA GLY A 161 -11.30 -0.16 17.11
C GLY A 161 -11.20 1.23 17.70
N LEU A 162 -10.89 1.30 18.99
CA LEU A 162 -10.72 2.58 19.65
C LEU A 162 -9.42 3.24 19.21
N CYS A 163 -8.47 2.44 18.73
CA CYS A 163 -7.18 3.00 18.35
C CYS A 163 -7.28 3.81 17.10
N ASN A 164 -6.62 4.97 17.12
CA ASN A 164 -6.64 5.89 15.98
C ASN A 164 -5.35 5.89 15.17
N PHE A 165 -4.40 5.05 15.55
CA PHE A 165 -3.08 5.01 14.90
C PHE A 165 -2.97 3.74 14.06
N MET A 166 -2.05 3.74 13.11
CA MET A 166 -1.90 2.60 12.22
C MET A 166 -1.33 1.38 12.95
N HIS A 167 -1.94 0.23 12.73
CA HIS A 167 -1.35 -1.03 13.19
C HIS A 167 -0.63 -1.67 12.02
N ALA A 168 0.63 -1.31 11.83
CA ALA A 168 1.40 -1.73 10.67
C ALA A 168 1.70 -3.19 10.78
N LYS A 169 1.25 -3.95 9.80
CA LYS A 169 1.54 -5.39 9.78
C LYS A 169 2.78 -5.60 8.95
N LYS A 170 3.81 -6.22 9.53
CA LYS A 170 5.09 -6.27 8.86
C LYS A 170 5.35 -7.61 8.21
N PRO A 171 5.96 -7.58 7.02
CA PRO A 171 6.34 -8.81 6.35
C PRO A 171 7.64 -9.36 6.93
N SER A 172 8.02 -10.56 6.52
CA SER A 172 9.34 -11.09 6.84
C SER A 172 10.42 -10.08 6.49
N PRO A 173 11.31 -9.77 7.45
CA PRO A 173 12.37 -8.80 7.18
C PRO A 173 13.22 -9.15 5.95
N GLN A 174 13.47 -10.43 5.70
CA GLN A 174 14.27 -10.81 4.54
C GLN A 174 13.55 -10.44 3.24
N LEU A 175 12.23 -10.65 3.22
CA LEU A 175 11.45 -10.27 2.04
C LEU A 175 11.55 -8.77 1.76
N LEU A 176 11.34 -7.96 2.79
CA LEU A 176 11.43 -6.52 2.59
C LEU A 176 12.82 -6.14 2.06
N ARG A 177 13.89 -6.70 2.63
CA ARG A 177 15.24 -6.36 2.15
C ARG A 177 15.40 -6.76 0.69
N ASP A 178 14.84 -7.91 0.33
CA ASP A 178 14.95 -8.41 -1.04
C ASP A 178 14.19 -7.51 -2.00
N LEU A 179 13.00 -7.08 -1.60
CA LEU A 179 12.19 -6.17 -2.45
C LEU A 179 12.89 -4.84 -2.66
N VAL A 180 13.47 -4.30 -1.58
CA VAL A 180 14.22 -3.05 -1.68
C VAL A 180 15.40 -3.21 -2.64
N LEU A 181 16.11 -4.33 -2.55
CA LEU A 181 17.21 -4.60 -3.46
C LEU A 181 16.75 -4.73 -4.91
N ALA A 182 15.68 -5.49 -5.11
CA ALA A 182 15.09 -5.67 -6.44
C ALA A 182 14.68 -4.33 -7.06
N GLN A 183 14.12 -3.44 -6.26
CA GLN A 183 13.74 -2.13 -6.76
C GLN A 183 14.97 -1.29 -7.13
N ARG A 184 15.98 -1.34 -6.26
CA ARG A 184 17.25 -0.64 -6.53
C ARG A 184 17.82 -1.06 -7.87
N LYS A 185 17.79 -2.37 -8.15
CA LYS A 185 18.25 -2.89 -9.42
C LYS A 185 17.39 -2.36 -10.58
N TYR A 186 16.08 -2.49 -10.46
CA TYR A 186 15.14 -1.97 -11.46
C TYR A 186 15.39 -0.49 -11.74
N LEU A 187 15.53 0.31 -10.69
CA LEU A 187 15.74 1.75 -10.81
C LEU A 187 17.06 2.07 -11.50
N ALA A 188 18.10 1.30 -11.16
CA ALA A 188 19.41 1.48 -11.76
C ALA A 188 19.40 1.14 -13.26
N LEU A 189 18.68 0.08 -13.62
CA LEU A 189 18.59 -0.32 -15.03
C LEU A 189 17.83 0.73 -15.84
N ASN A 190 16.82 1.35 -15.23
CA ASN A 190 16.07 2.41 -15.90
C ASN A 190 16.91 3.68 -16.06
N ALA A 191 17.63 4.04 -15.00
CA ALA A 191 18.52 5.19 -15.05
C ALA A 191 19.64 4.99 -16.05
N ALA A 192 19.95 3.73 -16.34
CA ALA A 192 20.98 3.41 -17.32
C ALA A 192 20.43 3.42 -18.75
N GLU A 193 19.22 3.94 -18.92
CA GLU A 193 18.64 4.11 -20.25
C GLU A 193 18.62 5.59 -20.65
N GLU A 194 19.74 6.04 -21.22
CA GLU A 194 19.87 7.41 -21.73
C GLU A 194 21.21 7.55 -22.46
N ARG B 15 24.91 15.86 -14.47
CA ARG B 15 26.33 15.63 -14.25
C ARG B 15 26.70 14.20 -14.58
N GLU B 16 27.70 14.02 -15.45
CA GLU B 16 28.15 12.69 -15.85
C GLU B 16 28.78 11.91 -14.70
N ARG B 17 28.90 12.57 -13.56
CA ARG B 17 29.17 11.90 -12.30
C ARG B 17 28.13 10.79 -12.06
N SER B 18 26.87 11.12 -12.33
CA SER B 18 25.78 10.21 -12.08
C SER B 18 25.79 9.02 -13.03
N VAL B 19 26.45 9.18 -14.18
CA VAL B 19 26.59 8.08 -15.14
C VAL B 19 27.40 6.93 -14.54
N ARG B 20 28.17 7.22 -13.50
CA ARG B 20 29.02 6.22 -12.87
C ARG B 20 28.68 5.94 -11.40
N SER B 21 27.80 6.76 -10.82
CA SER B 21 27.21 6.36 -9.54
C SER B 21 26.16 5.30 -9.88
N ILE B 22 25.68 5.37 -11.12
CA ILE B 22 24.85 4.32 -11.71
C ILE B 22 25.69 3.07 -11.93
N GLU B 23 26.94 3.27 -12.36
CA GLU B 23 27.86 2.16 -12.61
C GLU B 23 28.20 1.39 -11.32
N GLN B 24 28.43 2.11 -10.23
CA GLN B 24 28.74 1.46 -8.97
C GLN B 24 27.52 0.71 -8.43
N GLU B 25 26.35 1.29 -8.64
CA GLU B 25 25.09 0.66 -8.25
C GLU B 25 24.89 -0.64 -9.02
N LEU B 26 25.09 -0.58 -10.33
CA LEU B 26 24.75 -1.69 -11.21
C LEU B 26 25.65 -2.92 -11.02
N GLU B 27 26.90 -2.72 -10.62
CA GLU B 27 27.79 -3.85 -10.44
C GLU B 27 27.73 -4.41 -9.04
N GLN B 28 27.26 -3.59 -8.10
CA GLN B 28 27.02 -4.06 -6.75
C GLN B 28 25.70 -4.82 -6.67
N LEU B 29 24.91 -4.78 -7.75
CA LEU B 29 23.62 -5.46 -7.79
C LEU B 29 23.55 -6.48 -8.94
N ARG B 30 24.71 -6.90 -9.44
CA ARG B 30 24.75 -7.78 -10.60
C ARG B 30 24.07 -9.13 -10.35
N ASP B 31 24.03 -9.55 -9.10
CA ASP B 31 23.40 -10.82 -8.74
C ASP B 31 21.89 -10.70 -8.51
N VAL B 32 21.38 -9.46 -8.53
CA VAL B 32 20.01 -9.16 -8.12
C VAL B 32 19.01 -9.14 -9.29
N THR B 33 17.88 -9.80 -9.11
CA THR B 33 16.76 -9.76 -10.08
C THR B 33 16.00 -8.43 -9.97
N PRO B 34 15.81 -7.70 -11.10
CA PRO B 34 15.05 -6.43 -10.99
C PRO B 34 13.59 -6.67 -10.60
N ILE B 35 12.97 -5.73 -9.90
CA ILE B 35 11.67 -6.02 -9.31
C ILE B 35 10.58 -6.25 -10.36
N ASN B 36 10.74 -5.70 -11.56
CA ASN B 36 9.74 -5.95 -12.58
C ASN B 36 9.84 -7.39 -13.15
N GLN B 37 10.87 -8.13 -12.74
CA GLN B 37 11.01 -9.54 -13.13
C GLN B 37 10.87 -10.47 -11.94
N TRP B 38 10.40 -9.92 -10.82
CA TRP B 38 10.23 -10.67 -9.58
C TRP B 38 9.04 -11.62 -9.69
N LYS B 39 9.25 -12.92 -9.49
CA LYS B 39 8.14 -13.86 -9.53
C LYS B 39 7.30 -13.69 -8.26
N ARG B 40 6.00 -13.44 -8.42
CA ARG B 40 5.16 -13.22 -7.25
C ARG B 40 4.49 -14.51 -6.83
N LYS B 41 4.54 -14.81 -5.54
CA LYS B 41 3.95 -16.03 -5.00
C LYS B 41 2.46 -16.13 -5.32
N ARG B 42 1.75 -15.02 -5.17
CA ARG B 42 0.30 -15.02 -5.37
C ARG B 42 -0.14 -13.63 -5.76
N SER B 43 -0.30 -13.39 -7.06
CA SER B 43 -0.71 -12.06 -7.50
C SER B 43 -2.20 -12.04 -7.83
N LEU B 44 -2.90 -11.04 -7.33
CA LEU B 44 -4.34 -10.96 -7.50
C LEU B 44 -4.82 -9.69 -8.21
N TRP B 45 -3.89 -8.97 -8.82
CA TRP B 45 -4.25 -7.76 -9.57
C TRP B 45 -5.08 -8.09 -10.81
N ASP B 46 -6.06 -7.24 -11.07
CA ASP B 46 -6.92 -7.32 -12.27
C ASP B 46 -7.76 -8.59 -12.35
N ILE B 47 -8.06 -9.17 -11.20
CA ILE B 47 -8.95 -10.32 -11.14
C ILE B 47 -10.34 -9.84 -10.81
N LYS B 48 -11.29 -10.13 -11.71
CA LYS B 48 -12.66 -9.65 -11.57
C LYS B 48 -13.58 -10.80 -11.21
N PRO B 49 -14.67 -10.51 -10.49
CA PRO B 49 -15.65 -11.56 -10.19
C PRO B 49 -16.44 -11.90 -11.47
N PRO B 50 -17.06 -13.08 -11.51
CA PRO B 50 -17.79 -13.46 -12.72
C PRO B 50 -18.98 -12.56 -12.98
N GLY B 51 -19.22 -12.24 -14.25
CA GLY B 51 -20.37 -11.42 -14.63
C GLY B 51 -20.05 -9.95 -14.81
N TYR B 52 -18.81 -9.58 -14.49
CA TYR B 52 -18.41 -8.18 -14.55
C TYR B 52 -17.54 -7.87 -15.77
N GLU B 53 -17.65 -8.70 -16.80
CA GLU B 53 -16.83 -8.54 -17.99
C GLU B 53 -17.06 -7.18 -18.67
N LEU B 54 -18.29 -6.69 -18.60
CA LEU B 54 -18.65 -5.45 -19.28
C LEU B 54 -18.79 -4.26 -18.32
N VAL B 55 -18.27 -4.43 -17.10
CA VAL B 55 -18.36 -3.38 -16.08
C VAL B 55 -16.99 -2.84 -15.68
N THR B 56 -16.84 -1.51 -15.71
CA THR B 56 -15.58 -0.88 -15.30
C THR B 56 -15.50 -0.84 -13.77
N ALA B 57 -14.32 -0.49 -13.25
CA ALA B 57 -14.14 -0.35 -11.81
C ALA B 57 -15.04 0.76 -11.26
N ASP B 58 -15.09 1.88 -11.98
CA ASP B 58 -15.89 3.02 -11.52
C ASP B 58 -17.36 2.65 -11.48
N GLN B 59 -17.86 1.99 -12.51
CA GLN B 59 -19.25 1.54 -12.52
C GLN B 59 -19.54 0.62 -11.34
N ALA B 60 -18.61 -0.30 -11.05
CA ALA B 60 -18.79 -1.19 -9.91
C ALA B 60 -18.78 -0.42 -8.59
N LYS B 61 -17.93 0.60 -8.48
CA LYS B 61 -17.89 1.41 -7.26
C LYS B 61 -19.17 2.24 -7.12
N MET B 62 -19.65 2.78 -8.24
CA MET B 62 -20.86 3.61 -8.22
C MET B 62 -22.12 2.78 -8.00
N SER B 63 -22.00 1.47 -8.18
CA SER B 63 -23.14 0.57 -8.06
C SER B 63 -23.58 0.36 -6.62
N GLY B 64 -22.68 0.64 -5.68
CA GLY B 64 -22.97 0.47 -4.26
C GLY B 64 -22.72 -0.93 -3.74
N VAL B 65 -22.31 -1.83 -4.64
CA VAL B 65 -22.12 -3.25 -4.28
C VAL B 65 -20.76 -3.46 -3.59
N PHE B 66 -19.84 -2.51 -3.73
CA PHE B 66 -18.52 -2.65 -3.09
C PHE B 66 -18.18 -1.43 -2.22
N PRO B 67 -18.94 -1.22 -1.14
CA PRO B 67 -18.74 -0.01 -0.32
C PRO B 67 -17.54 -0.14 0.61
N LEU B 68 -16.87 0.97 0.89
CA LEU B 68 -15.81 1.02 1.88
C LEU B 68 -16.40 0.98 3.28
N PRO B 69 -15.72 0.30 4.22
CA PRO B 69 -16.18 0.30 5.62
C PRO B 69 -16.01 1.67 6.26
ZN ZN C . -11.51 14.24 11.42
ZN ZN D . -3.09 0.81 18.57
#